data_2V83
#
_entry.id   2V83
#
_cell.length_a   54.783
_cell.length_b   46.835
_cell.length_c   56.963
_cell.angle_alpha   90.00
_cell.angle_beta   101.46
_cell.angle_gamma   90.00
#
_symmetry.space_group_name_H-M   'P 1 21 1'
#
loop_
_entity.id
_entity.type
_entity.pdbx_description
1 polymer 'VDJ RECOMBINATION-ACTIVATING PROTEIN 2'
2 polymer 'HISTONE H3'
3 non-polymer 'ZINC ION'
4 water water
#
loop_
_entity_poly.entity_id
_entity_poly.type
_entity_poly.pdbx_seq_one_letter_code
_entity_poly.pdbx_strand_id
1 'polypeptide(L)'
;GPLGSPEFGYWITCCPTCDVDINTWVPFYSTELNKPAMIYCSHGDGHWVHAQCMDLEERTLIHLSEGSNKYYCNEHVQIA
RA
;
A,B,C
2 'polypeptide(L)' ART(M3L)QTARK D,E
#
loop_
_chem_comp.id
_chem_comp.type
_chem_comp.name
_chem_comp.formula
ZN non-polymer 'ZINC ION' 'Zn 2'
#
# COMPACT_ATOMS: atom_id res chain seq x y z
N GLY A 9 -8.23 16.74 -6.94
CA GLY A 9 -8.74 15.43 -7.41
C GLY A 9 -10.01 14.95 -6.71
N TYR A 10 -10.43 15.64 -5.65
CA TYR A 10 -11.63 15.23 -4.93
C TYR A 10 -12.95 15.47 -5.62
N TRP A 11 -13.07 16.60 -6.30
CA TRP A 11 -14.31 16.96 -6.96
C TRP A 11 -14.37 16.65 -8.44
N ILE A 12 -13.87 15.47 -8.78
CA ILE A 12 -13.89 14.99 -10.16
C ILE A 12 -15.14 14.15 -10.34
N THR A 13 -15.51 13.89 -11.59
CA THR A 13 -16.66 13.03 -11.89
C THR A 13 -15.90 11.72 -12.09
N CYS A 14 -15.96 10.84 -11.10
CA CYS A 14 -15.22 9.58 -11.12
C CYS A 14 -15.70 8.44 -12.03
N CYS A 15 -16.93 8.51 -12.48
CA CYS A 15 -17.47 7.46 -13.35
C CYS A 15 -18.80 7.95 -13.92
N PRO A 16 -19.24 7.35 -15.04
CA PRO A 16 -20.50 7.74 -15.68
C PRO A 16 -21.70 7.96 -14.76
N THR A 17 -21.74 7.29 -13.60
CA THR A 17 -22.87 7.44 -12.68
C THR A 17 -22.52 8.23 -11.43
N CYS A 18 -21.37 8.88 -11.44
CA CYS A 18 -20.89 9.65 -10.29
C CYS A 18 -21.91 10.62 -9.68
N ASP A 19 -22.13 10.47 -8.37
CA ASP A 19 -23.07 11.34 -7.65
C ASP A 19 -22.39 12.33 -6.74
N VAL A 20 -21.07 12.30 -6.68
CA VAL A 20 -20.37 13.25 -5.84
C VAL A 20 -20.28 14.58 -6.56
N ASP A 21 -20.85 15.61 -5.95
CA ASP A 21 -20.84 16.94 -6.53
C ASP A 21 -20.48 17.98 -5.46
N ILE A 22 -19.54 18.85 -5.80
CA ILE A 22 -19.08 19.86 -4.86
C ILE A 22 -20.19 20.83 -4.40
N ASN A 23 -21.28 20.92 -5.16
CA ASN A 23 -22.37 21.82 -4.75
C ASN A 23 -23.43 21.08 -3.95
N THR A 24 -23.26 19.79 -3.72
CA THR A 24 -24.27 19.03 -2.98
C THR A 24 -23.76 17.98 -2.01
N TRP A 25 -22.48 17.65 -2.07
CA TRP A 25 -21.90 16.61 -1.22
C TRP A 25 -22.04 16.75 0.30
N VAL A 26 -22.33 15.64 0.97
CA VAL A 26 -22.46 15.60 2.42
C VAL A 26 -21.83 14.30 2.90
N PRO A 27 -21.30 14.28 4.14
CA PRO A 27 -20.67 13.07 4.67
C PRO A 27 -21.62 11.87 4.70
N PHE A 28 -21.09 10.72 4.30
CA PHE A 28 -21.86 9.48 4.25
C PHE A 28 -21.19 8.43 5.13
N TYR A 29 -19.88 8.29 5.00
CA TYR A 29 -19.13 7.34 5.80
C TYR A 29 -18.75 8.01 7.12
N SER A 30 -18.66 7.20 8.17
CA SER A 30 -18.32 7.74 9.47
C SER A 30 -16.94 8.39 9.50
N THR A 31 -16.09 8.11 8.51
CA THR A 31 -14.75 8.68 8.48
C THR A 31 -14.66 9.98 7.70
N GLU A 32 -15.75 10.36 7.05
CA GLU A 32 -15.76 11.59 6.27
C GLU A 32 -16.22 12.77 7.09
N LEU A 33 -15.71 13.94 6.75
CA LEU A 33 -16.13 15.16 7.42
C LEU A 33 -16.41 16.22 6.37
N ASN A 34 -15.37 16.77 5.77
CA ASN A 34 -15.57 17.78 4.75
C ASN A 34 -15.15 17.30 3.36
N LYS A 35 -14.68 16.07 3.28
CA LYS A 35 -14.26 15.50 2.01
C LYS A 35 -14.71 14.07 1.81
N PRO A 36 -14.97 13.69 0.54
CA PRO A 36 -15.43 12.35 0.16
C PRO A 36 -14.33 11.30 0.15
N ALA A 37 -14.64 10.14 0.70
CA ALA A 37 -13.68 9.04 0.76
C ALA A 37 -13.45 8.56 -0.65
N MET A 38 -12.20 8.24 -0.96
CA MET A 38 -11.88 7.76 -2.30
C MET A 38 -11.02 6.50 -2.24
N ILE A 39 -11.09 5.71 -3.30
CA ILE A 39 -10.30 4.51 -3.36
C ILE A 39 -9.62 4.46 -4.73
N TYR A 40 -8.42 3.91 -4.76
CA TYR A 40 -7.66 3.83 -5.99
C TYR A 40 -7.90 2.58 -6.83
N CYS A 41 -8.31 2.77 -8.08
CA CYS A 41 -8.54 1.66 -9.00
C CYS A 41 -7.21 1.38 -9.70
N SER A 42 -6.75 0.12 -9.68
CA SER A 42 -5.47 -0.24 -10.29
C SER A 42 -5.49 -0.54 -11.77
N HIS A 43 -6.63 -0.30 -12.42
CA HIS A 43 -6.75 -0.56 -13.84
C HIS A 43 -5.87 0.34 -14.69
N GLY A 44 -5.17 -0.27 -15.65
CA GLY A 44 -4.30 0.48 -16.53
C GLY A 44 -3.38 1.39 -15.76
N ASP A 45 -3.37 2.67 -16.13
CA ASP A 45 -2.53 3.64 -15.44
C ASP A 45 -3.05 3.87 -14.02
N GLY A 46 -4.32 3.56 -13.81
CA GLY A 46 -4.92 3.77 -12.51
C GLY A 46 -5.70 5.05 -12.48
N HIS A 47 -6.61 5.17 -11.52
CA HIS A 47 -7.43 6.35 -11.38
C HIS A 47 -8.19 6.25 -10.07
N TRP A 48 -8.60 7.41 -9.54
CA TRP A 48 -9.34 7.49 -8.29
C TRP A 48 -10.86 7.59 -8.49
N VAL A 49 -11.60 6.90 -7.64
CA VAL A 49 -13.06 6.97 -7.68
C VAL A 49 -13.60 7.22 -6.27
N HIS A 50 -14.81 7.77 -6.20
CA HIS A 50 -15.41 8.02 -4.89
C HIS A 50 -15.97 6.68 -4.43
N ALA A 51 -15.62 6.28 -3.21
CA ALA A 51 -16.10 5.02 -2.66
C ALA A 51 -17.62 4.88 -2.69
N GLN A 52 -18.32 5.97 -2.38
CA GLN A 52 -19.78 5.94 -2.37
C GLN A 52 -20.35 5.64 -3.74
N CYS A 53 -19.68 6.12 -4.78
CA CYS A 53 -20.15 5.89 -6.14
C CYS A 53 -19.99 4.44 -6.53
N MET A 54 -19.18 3.70 -5.78
CA MET A 54 -18.97 2.27 -6.08
C MET A 54 -19.94 1.43 -5.27
N ASP A 55 -20.73 2.07 -4.42
CA ASP A 55 -21.70 1.37 -3.59
C ASP A 55 -21.01 0.44 -2.57
N LEU A 56 -19.83 0.84 -2.14
CA LEU A 56 -19.08 0.07 -1.17
C LEU A 56 -19.62 0.34 0.23
N GLU A 57 -19.94 -0.71 0.96
CA GLU A 57 -20.41 -0.54 2.32
C GLU A 57 -19.17 -0.11 3.08
N GLU A 58 -19.39 0.64 4.15
CA GLU A 58 -18.27 1.15 4.93
C GLU A 58 -17.23 0.13 5.39
N ARG A 59 -17.66 -0.98 5.95
CA ARG A 59 -16.68 -1.95 6.42
C ARG A 59 -15.80 -2.46 5.27
N THR A 60 -16.36 -2.55 4.06
CA THR A 60 -15.61 -3.02 2.91
C THR A 60 -14.54 -1.99 2.58
N LEU A 61 -14.93 -0.72 2.65
CA LEU A 61 -14.02 0.40 2.38
C LEU A 61 -12.86 0.32 3.34
N ILE A 62 -13.19 0.21 4.63
CA ILE A 62 -12.19 0.15 5.69
C ILE A 62 -11.26 -1.03 5.54
N HIS A 63 -11.81 -2.20 5.21
CA HIS A 63 -10.97 -3.38 5.06
C HIS A 63 -9.99 -3.16 3.90
N LEU A 64 -10.48 -2.55 2.83
CA LEU A 64 -9.64 -2.26 1.69
C LEU A 64 -8.50 -1.31 2.08
N SER A 65 -8.81 -0.35 2.93
CA SER A 65 -7.84 0.64 3.39
C SER A 65 -6.79 0.06 4.33
N GLU A 66 -7.13 -1.06 4.99
CA GLU A 66 -6.22 -1.71 5.93
C GLU A 66 -5.44 -2.87 5.31
N GLY A 67 -5.72 -3.18 4.06
CA GLY A 67 -5.01 -4.28 3.42
C GLY A 67 -4.18 -3.82 2.26
N SER A 68 -3.49 -4.76 1.63
CA SER A 68 -2.66 -4.44 0.47
C SER A 68 -3.32 -4.95 -0.80
N ASN A 69 -4.55 -5.45 -0.69
CA ASN A 69 -5.28 -5.96 -1.84
C ASN A 69 -5.57 -4.84 -2.82
N LYS A 70 -5.44 -5.12 -4.11
CA LYS A 70 -5.73 -4.13 -5.12
C LYS A 70 -7.23 -3.96 -5.27
N TYR A 71 -7.64 -2.82 -5.81
CA TYR A 71 -9.05 -2.57 -6.02
C TYR A 71 -9.31 -2.19 -7.47
N TYR A 72 -10.43 -2.67 -8.00
CA TYR A 72 -10.83 -2.34 -9.36
C TYR A 72 -12.26 -1.85 -9.27
N CYS A 73 -12.52 -0.68 -9.85
CA CYS A 73 -13.85 -0.09 -9.81
C CYS A 73 -14.86 -0.92 -10.59
N ASN A 74 -16.13 -0.71 -10.30
CA ASN A 74 -17.21 -1.45 -10.95
C ASN A 74 -17.11 -1.45 -12.47
N GLU A 75 -16.44 -0.46 -13.04
CA GLU A 75 -16.29 -0.37 -14.49
C GLU A 75 -15.17 -1.27 -15.01
N HIS A 76 -14.13 -1.45 -14.21
CA HIS A 76 -12.97 -2.23 -14.62
C HIS A 76 -12.78 -3.61 -14.02
N VAL A 77 -13.61 -4.00 -13.07
CA VAL A 77 -13.40 -5.30 -12.43
C VAL A 77 -13.20 -6.49 -13.35
N GLN A 78 -13.84 -6.49 -14.50
CA GLN A 78 -13.68 -7.61 -15.42
C GLN A 78 -12.55 -7.41 -16.42
N ILE A 79 -11.83 -8.48 -16.71
CA ILE A 79 -10.75 -8.41 -17.67
C ILE A 79 -11.41 -8.68 -19.02
N ALA A 80 -10.92 -8.14 -20.05
N GLY B 4 -0.76 -24.37 -7.00
CA GLY B 4 -0.49 -23.12 -6.22
C GLY B 4 -1.29 -21.86 -6.54
N SER B 5 -0.87 -21.14 -7.57
CA SER B 5 -1.56 -19.92 -8.03
C SER B 5 -1.24 -18.88 -6.97
N PRO B 6 -0.39 -17.90 -7.33
CA PRO B 6 0.03 -16.81 -6.44
C PRO B 6 -1.07 -15.79 -6.24
N GLU B 7 -2.12 -15.86 -7.06
CA GLU B 7 -3.16 -14.86 -6.87
C GLU B 7 -3.86 -15.04 -5.53
N PHE B 8 -3.74 -16.22 -4.93
CA PHE B 8 -4.37 -16.47 -3.63
C PHE B 8 -3.52 -15.99 -2.45
N GLY B 9 -2.30 -15.56 -2.73
CA GLY B 9 -1.44 -15.01 -1.70
C GLY B 9 -0.51 -15.86 -0.86
N TYR B 10 -0.66 -17.17 -0.86
CA TYR B 10 0.22 -18.01 -0.05
C TYR B 10 1.51 -18.41 -0.73
N TRP B 11 1.38 -19.13 -1.84
CA TRP B 11 2.54 -19.61 -2.58
C TRP B 11 3.16 -18.52 -3.43
N ILE B 12 3.83 -17.61 -2.75
CA ILE B 12 4.51 -16.47 -3.37
C ILE B 12 5.91 -16.39 -2.80
N THR B 13 6.73 -15.50 -3.35
CA THR B 13 8.08 -15.30 -2.83
C THR B 13 7.90 -14.02 -2.00
N CYS B 14 7.74 -14.20 -0.68
CA CYS B 14 7.48 -13.08 0.22
C CYS B 14 8.61 -12.08 0.45
N CYS B 15 9.85 -12.52 0.31
CA CYS B 15 10.99 -11.64 0.50
C CYS B 15 12.22 -12.22 -0.19
N PRO B 16 13.24 -11.40 -0.42
CA PRO B 16 14.47 -11.85 -1.09
C PRO B 16 15.06 -13.15 -0.56
N THR B 17 14.81 -13.46 0.70
CA THR B 17 15.36 -14.70 1.28
C THR B 17 14.26 -15.73 1.47
N CYS B 18 13.10 -15.51 0.88
CA CYS B 18 11.98 -16.40 1.02
C CYS B 18 12.29 -17.86 0.68
N ASP B 19 11.99 -18.73 1.63
CA ASP B 19 12.24 -20.15 1.48
C ASP B 19 11.05 -20.97 0.98
N VAL B 20 9.84 -20.54 1.34
CA VAL B 20 8.61 -21.24 0.98
C VAL B 20 8.36 -21.59 -0.49
N ASP B 21 8.04 -22.87 -0.70
CA ASP B 21 7.74 -23.40 -2.02
C ASP B 21 6.78 -24.57 -1.81
N ILE B 22 5.58 -24.48 -2.38
CA ILE B 22 4.59 -25.53 -2.22
C ILE B 22 5.11 -26.95 -2.45
N ASN B 23 6.19 -27.08 -3.21
CA ASN B 23 6.75 -28.41 -3.48
C ASN B 23 7.58 -28.97 -2.33
N THR B 24 8.11 -28.09 -1.49
CA THR B 24 8.95 -28.54 -0.39
C THR B 24 8.46 -28.12 0.98
N TRP B 25 7.45 -27.27 1.02
CA TRP B 25 6.92 -26.80 2.29
C TRP B 25 6.37 -27.94 3.13
N VAL B 26 6.46 -27.75 4.45
CA VAL B 26 5.92 -28.72 5.40
C VAL B 26 5.43 -27.87 6.56
N PRO B 27 4.40 -28.34 7.28
CA PRO B 27 3.92 -27.54 8.40
C PRO B 27 4.96 -27.41 9.51
N PHE B 28 5.13 -26.19 10.00
CA PHE B 28 6.09 -25.89 11.06
C PHE B 28 5.36 -25.44 12.33
N TYR B 29 4.48 -24.46 12.22
CA TYR B 29 3.74 -23.98 13.38
C TYR B 29 2.60 -24.94 13.71
N SER B 30 2.18 -24.97 14.97
CA SER B 30 1.12 -25.87 15.40
C SER B 30 -0.25 -25.55 14.79
N THR B 31 -0.38 -24.35 14.23
CA THR B 31 -1.64 -23.94 13.63
C THR B 31 -1.79 -24.17 12.13
N GLU B 32 -0.72 -24.58 11.47
CA GLU B 32 -0.76 -24.81 10.02
C GLU B 32 -1.33 -26.17 9.64
N LEU B 33 -1.95 -26.22 8.46
CA LEU B 33 -2.52 -27.45 7.93
C LEU B 33 -1.90 -27.67 6.56
N ASN B 34 -2.37 -26.93 5.56
CA ASN B 34 -1.80 -27.08 4.22
C ASN B 34 -1.30 -25.75 3.70
N LYS B 35 -1.34 -24.73 4.56
CA LYS B 35 -0.91 -23.40 4.20
C LYS B 35 -0.01 -22.77 5.25
N PRO B 36 1.05 -22.10 4.80
CA PRO B 36 1.98 -21.45 5.71
C PRO B 36 1.39 -20.22 6.40
N ALA B 37 1.62 -20.08 7.70
CA ALA B 37 1.12 -18.94 8.44
C ALA B 37 1.77 -17.68 7.90
N MET B 38 1.00 -16.60 7.78
CA MET B 38 1.52 -15.34 7.28
C MET B 38 1.07 -14.19 8.14
N ILE B 39 1.85 -13.11 8.11
CA ILE B 39 1.54 -11.92 8.88
C ILE B 39 1.65 -10.70 7.94
N TYR B 40 0.84 -9.69 8.20
CA TYR B 40 0.80 -8.50 7.37
C TYR B 40 1.75 -7.37 7.79
N CYS B 41 2.54 -6.88 6.83
CA CYS B 41 3.44 -5.78 7.08
C CYS B 41 2.74 -4.51 6.55
N SER B 42 2.72 -3.47 7.39
CA SER B 42 2.06 -2.21 7.04
C SER B 42 2.93 -1.20 6.29
N HIS B 43 4.10 -1.65 5.81
CA HIS B 43 5.00 -0.75 5.08
C HIS B 43 4.45 -0.37 3.70
N GLY B 44 4.62 0.89 3.32
CA GLY B 44 4.13 1.34 2.03
C GLY B 44 2.67 0.95 1.85
N ASP B 45 2.35 0.35 0.70
CA ASP B 45 0.98 -0.06 0.43
C ASP B 45 0.67 -1.41 1.11
N GLY B 46 1.67 -1.97 1.80
CA GLY B 46 1.47 -3.22 2.49
C GLY B 46 1.87 -4.45 1.71
N HIS B 47 1.96 -5.57 2.41
CA HIS B 47 2.31 -6.84 1.80
C HIS B 47 2.32 -7.92 2.87
N TRP B 48 2.22 -9.18 2.43
CA TRP B 48 2.23 -10.29 3.34
C TRP B 48 3.52 -11.08 3.20
N VAL B 49 4.00 -11.61 4.33
CA VAL B 49 5.21 -12.41 4.35
C VAL B 49 4.96 -13.63 5.22
N HIS B 50 5.62 -14.75 4.89
CA HIS B 50 5.47 -15.95 5.68
C HIS B 50 6.11 -15.74 7.03
N ALA B 51 5.45 -16.21 8.08
CA ALA B 51 5.98 -16.06 9.43
C ALA B 51 7.36 -16.73 9.54
N GLN B 52 7.50 -17.92 8.97
CA GLN B 52 8.79 -18.62 9.03
C GLN B 52 9.91 -17.81 8.41
N CYS B 53 9.62 -17.17 7.28
CA CYS B 53 10.62 -16.37 6.60
C CYS B 53 11.08 -15.20 7.45
N MET B 54 10.26 -14.84 8.42
CA MET B 54 10.61 -13.74 9.32
C MET B 54 11.28 -14.26 10.58
N ASP B 55 11.37 -15.58 10.71
CA ASP B 55 11.99 -16.23 11.87
C ASP B 55 11.21 -16.00 13.15
N LEU B 56 9.89 -16.01 13.02
CA LEU B 56 9.04 -15.79 14.17
C LEU B 56 8.74 -17.09 14.90
N GLU B 57 8.94 -17.03 16.20
CA GLU B 57 8.68 -18.18 17.04
C GLU B 57 7.19 -18.22 17.25
N GLU B 58 6.67 -19.42 17.40
CA GLU B 58 5.26 -19.57 17.59
C GLU B 58 4.70 -18.57 18.61
N ARG B 59 5.18 -18.55 19.86
CA ARG B 59 4.54 -17.58 20.76
C ARG B 59 4.68 -16.12 20.36
N THR B 60 5.65 -15.80 19.53
CA THR B 60 5.78 -14.41 19.10
C THR B 60 4.72 -14.14 18.03
N LEU B 61 4.53 -15.11 17.15
CA LEU B 61 3.55 -15.02 16.07
C LEU B 61 2.14 -14.97 16.65
N ILE B 62 1.84 -15.92 17.54
CA ILE B 62 0.51 -15.96 18.15
C ILE B 62 0.29 -14.71 18.98
N HIS B 63 1.35 -14.22 19.61
CA HIS B 63 1.22 -13.02 20.42
C HIS B 63 0.86 -11.83 19.55
N LEU B 64 1.47 -11.77 18.36
CA LEU B 64 1.22 -10.68 17.44
C LEU B 64 -0.21 -10.72 16.90
N SER B 65 -0.73 -11.92 16.67
CA SER B 65 -2.07 -12.08 16.13
C SER B 65 -3.20 -11.78 17.09
N GLU B 66 -2.94 -11.95 18.39
CA GLU B 66 -3.96 -11.69 19.41
C GLU B 66 -4.03 -10.21 19.77
N GLY B 67 -2.97 -9.48 19.45
CA GLY B 67 -2.93 -8.05 19.72
C GLY B 67 -3.42 -7.26 18.52
N SER B 68 -3.59 -5.95 18.68
CA SER B 68 -4.06 -5.14 17.59
C SER B 68 -2.98 -4.19 17.07
N ASN B 69 -1.72 -4.60 17.14
CA ASN B 69 -0.62 -3.78 16.67
C ASN B 69 -0.27 -4.07 15.24
N LYS B 70 0.32 -3.09 14.59
CA LYS B 70 0.76 -3.25 13.24
C LYS B 70 2.10 -3.91 13.34
N TYR B 71 2.55 -4.47 12.24
CA TYR B 71 3.82 -5.15 12.23
C TYR B 71 4.56 -4.70 10.99
N TYR B 72 5.88 -4.58 11.12
CA TYR B 72 6.72 -4.19 10.01
C TYR B 72 7.71 -5.34 9.92
N CYS B 73 7.86 -5.90 8.72
CA CYS B 73 8.76 -7.04 8.53
C CYS B 73 10.23 -6.66 8.75
N ASN B 74 11.08 -7.68 8.85
CA ASN B 74 12.52 -7.50 9.08
C ASN B 74 13.17 -6.63 8.01
N GLU B 75 12.55 -6.59 6.83
CA GLU B 75 13.06 -5.83 5.70
C GLU B 75 12.73 -4.35 5.77
N HIS B 76 11.61 -4.02 6.41
CA HIS B 76 11.17 -2.63 6.50
C HIS B 76 11.16 -1.95 7.86
N VAL B 77 11.14 -2.73 8.93
CA VAL B 77 11.07 -2.18 10.29
C VAL B 77 12.06 -1.05 10.64
N GLN B 78 13.22 -1.03 10.01
CA GLN B 78 14.22 0.00 10.33
C GLN B 78 14.21 1.20 9.41
N ILE B 79 13.22 1.27 8.54
CA ILE B 79 13.11 2.39 7.63
C ILE B 79 12.44 3.50 8.42
N ALA B 80 13.14 4.62 8.58
CA ALA B 80 12.60 5.76 9.30
C ALA B 80 11.16 5.90 8.84
N ARG B 81 10.24 5.57 9.72
CA ARG B 81 8.84 5.64 9.37
C ARG B 81 8.14 6.83 10.03
N ALA B 82 8.58 8.02 9.66
CA ALA B 82 7.98 9.23 10.17
C ALA B 82 6.95 9.66 9.16
N GLY C 4 10.08 2.43 -13.89
CA GLY C 4 10.53 2.49 -12.47
C GLY C 4 9.66 1.65 -11.56
N SER C 5 8.52 2.20 -11.14
CA SER C 5 7.61 1.50 -10.25
C SER C 5 8.28 1.00 -8.99
N PRO C 6 8.04 1.68 -7.85
CA PRO C 6 8.66 1.24 -6.60
C PRO C 6 7.85 0.02 -6.14
N GLU C 7 8.50 -0.90 -5.43
CA GLU C 7 7.84 -2.11 -4.97
C GLU C 7 6.65 -1.96 -4.02
N PHE C 8 6.69 -0.98 -3.13
CA PHE C 8 5.61 -0.82 -2.18
C PHE C 8 4.80 0.45 -2.25
N GLY C 9 4.72 1.03 -3.44
CA GLY C 9 3.92 2.23 -3.59
C GLY C 9 4.60 3.57 -3.70
N TYR C 10 3.76 4.58 -3.88
CA TYR C 10 4.19 5.96 -4.03
C TYR C 10 3.92 6.81 -2.80
N TRP C 11 3.30 6.21 -1.79
CA TRP C 11 2.92 6.96 -0.60
C TRP C 11 3.77 6.83 0.66
N ILE C 12 4.97 6.28 0.50
CA ILE C 12 5.89 6.14 1.62
C ILE C 12 6.43 7.52 1.96
N THR C 13 6.93 7.70 3.18
CA THR C 13 7.54 8.96 3.55
C THR C 13 8.99 8.72 3.17
N CYS C 14 9.39 9.22 2.00
CA CYS C 14 10.73 9.02 1.46
C CYS C 14 11.91 9.58 2.25
N CYS C 15 11.73 10.72 2.91
CA CYS C 15 12.81 11.34 3.67
C CYS C 15 12.28 11.97 4.96
N PRO C 16 13.19 12.44 5.84
CA PRO C 16 12.76 13.06 7.11
C PRO C 16 11.83 14.23 6.86
N THR C 17 12.03 14.90 5.73
CA THR C 17 11.24 16.05 5.34
C THR C 17 10.00 15.72 4.52
N CYS C 18 9.84 14.44 4.17
CA CYS C 18 8.72 14.00 3.34
C CYS C 18 7.43 14.79 3.57
N ASP C 19 7.01 15.45 2.51
CA ASP C 19 5.85 16.32 2.52
C ASP C 19 4.59 15.71 1.92
N VAL C 20 4.73 14.55 1.28
CA VAL C 20 3.63 13.85 0.62
C VAL C 20 2.59 13.12 1.48
N ASP C 21 1.34 13.56 1.38
CA ASP C 21 0.22 12.94 2.08
C ASP C 21 -0.81 12.58 1.01
N ILE C 22 -1.22 11.31 0.99
CA ILE C 22 -2.18 10.83 0.01
C ILE C 22 -3.50 11.63 0.01
N ASN C 23 -3.90 12.10 1.19
CA ASN C 23 -5.14 12.88 1.34
C ASN C 23 -5.06 14.33 0.86
N THR C 24 -3.85 14.82 0.65
CA THR C 24 -3.66 16.20 0.22
C THR C 24 -2.82 16.37 -1.04
N TRP C 25 -2.13 15.31 -1.44
CA TRP C 25 -1.25 15.36 -2.61
C TRP C 25 -1.95 15.79 -3.89
N VAL C 26 -1.41 16.82 -4.53
CA VAL C 26 -1.96 17.30 -5.79
C VAL C 26 -0.83 17.30 -6.82
N PRO C 27 -1.19 17.19 -8.11
CA PRO C 27 -0.21 17.18 -9.19
C PRO C 27 0.67 18.42 -9.14
N PHE C 28 1.96 18.21 -9.33
CA PHE C 28 2.95 19.27 -9.26
C PHE C 28 3.75 19.31 -10.57
N TYR C 29 4.29 18.17 -10.95
CA TYR C 29 5.03 18.10 -12.17
C TYR C 29 4.02 18.11 -13.31
N SER C 30 4.44 18.56 -14.49
CA SER C 30 3.59 18.67 -15.69
C SER C 30 3.32 17.27 -16.24
N THR C 31 3.05 16.35 -15.33
CA THR C 31 2.99 15.00 -15.76
C THR C 31 2.29 14.15 -14.70
N GLU C 32 2.16 14.73 -13.52
CA GLU C 32 1.57 14.03 -12.40
C GLU C 32 0.08 13.80 -12.50
N LEU C 33 -0.30 12.52 -12.60
CA LEU C 33 -1.71 12.18 -12.70
C LEU C 33 -2.26 11.86 -11.33
N ASN C 34 -2.05 10.62 -10.89
CA ASN C 34 -2.57 10.16 -9.62
C ASN C 34 -1.51 9.74 -8.61
N LYS C 35 -0.24 9.80 -9.02
CA LYS C 35 0.85 9.47 -8.11
C LYS C 35 2.01 10.41 -8.30
N PRO C 36 2.77 10.67 -7.22
CA PRO C 36 3.92 11.55 -7.29
C PRO C 36 5.02 10.96 -8.14
N ALA C 37 5.94 11.81 -8.57
CA ALA C 37 7.04 11.37 -9.40
C ALA C 37 8.15 10.95 -8.46
N MET C 38 8.75 9.81 -8.76
CA MET C 38 9.84 9.30 -7.95
C MET C 38 11.07 9.03 -8.79
N ILE C 39 12.18 8.93 -8.08
CA ILE C 39 13.47 8.70 -8.69
C ILE C 39 14.15 7.75 -7.71
N TYR C 40 15.16 7.02 -8.16
CA TYR C 40 15.85 6.04 -7.31
C TYR C 40 17.24 6.48 -6.88
N CYS C 41 17.46 6.58 -5.57
CA CYS C 41 18.77 6.92 -5.05
C CYS C 41 19.50 5.58 -4.99
N SER C 42 20.66 5.49 -5.63
CA SER C 42 21.40 4.23 -5.68
C SER C 42 22.32 3.98 -4.49
N HIS C 43 22.22 4.81 -3.46
CA HIS C 43 23.07 4.63 -2.27
C HIS C 43 22.81 3.29 -1.59
N GLY C 44 23.62 2.30 -1.95
CA GLY C 44 23.53 0.97 -1.38
C GLY C 44 22.30 0.15 -1.74
N ASP C 45 21.47 -0.07 -0.73
CA ASP C 45 20.23 -0.81 -0.88
C ASP C 45 19.52 -0.06 -1.99
N GLY C 46 19.50 1.26 -1.83
CA GLY C 46 18.86 2.12 -2.79
C GLY C 46 17.42 2.23 -2.37
N HIS C 47 16.90 3.45 -2.38
CA HIS C 47 15.52 3.69 -1.99
C HIS C 47 14.88 4.66 -2.96
N TRP C 48 13.55 4.60 -3.06
CA TRP C 48 12.85 5.51 -3.95
C TRP C 48 12.52 6.74 -3.13
N VAL C 49 12.63 7.91 -3.77
CA VAL C 49 12.33 9.16 -3.09
C VAL C 49 11.47 10.02 -4.00
N HIS C 50 10.65 10.89 -3.40
CA HIS C 50 9.78 11.77 -4.16
C HIS C 50 10.62 12.89 -4.78
N ALA C 51 10.34 13.18 -6.05
CA ALA C 51 11.05 14.22 -6.76
C ALA C 51 10.81 15.58 -6.10
N GLN C 52 9.57 15.82 -5.68
CA GLN C 52 9.20 17.07 -5.03
C GLN C 52 9.95 17.30 -3.73
N CYS C 53 10.14 16.22 -2.97
CA CYS C 53 10.84 16.30 -1.69
C CYS C 53 12.32 16.61 -1.86
N MET C 54 12.87 16.28 -3.03
CA MET C 54 14.27 16.57 -3.33
C MET C 54 14.35 17.95 -3.98
N ASP C 55 13.20 18.63 -4.03
CA ASP C 55 13.11 19.95 -4.64
C ASP C 55 13.77 20.00 -6.00
N LEU C 56 13.58 18.94 -6.78
CA LEU C 56 14.13 18.86 -8.13
C LEU C 56 13.18 19.61 -9.04
N GLU C 57 13.74 20.43 -9.94
CA GLU C 57 12.94 21.18 -10.89
C GLU C 57 12.72 20.23 -12.06
N GLU C 58 11.51 20.22 -12.61
CA GLU C 58 11.14 19.33 -13.70
C GLU C 58 12.18 19.02 -14.79
N ARG C 59 12.91 20.02 -15.27
CA ARG C 59 13.92 19.79 -16.30
C ARG C 59 15.03 18.86 -15.82
N THR C 60 15.30 18.90 -14.52
CA THR C 60 16.32 18.03 -13.93
C THR C 60 15.73 16.63 -13.85
N LEU C 61 14.51 16.56 -13.33
CA LEU C 61 13.81 15.29 -13.20
C LEU C 61 13.84 14.60 -14.56
N ILE C 62 13.13 15.16 -15.52
CA ILE C 62 13.08 14.62 -16.88
C ILE C 62 14.45 14.19 -17.40
N HIS C 63 15.46 15.03 -17.17
CA HIS C 63 16.82 14.76 -17.62
C HIS C 63 17.46 13.49 -17.04
N LEU C 64 17.25 13.25 -15.76
CA LEU C 64 17.83 12.09 -15.08
C LEU C 64 17.22 10.76 -15.51
N SER C 65 16.01 10.82 -16.08
CA SER C 65 15.30 9.63 -16.50
C SER C 65 15.70 9.19 -17.91
N ASN C 69 22.33 7.45 -15.76
CA ASN C 69 23.47 6.83 -15.10
C ASN C 69 23.08 6.36 -13.72
N LYS C 70 23.17 7.30 -12.79
CA LYS C 70 22.86 7.05 -11.40
C LYS C 70 22.49 8.35 -10.69
N TYR C 71 21.75 8.20 -9.61
CA TYR C 71 21.31 9.34 -8.81
C TYR C 71 21.47 9.06 -7.31
N TYR C 72 21.62 10.13 -6.55
CA TYR C 72 21.76 10.04 -5.09
C TYR C 72 20.99 11.21 -4.46
N CYS C 73 20.01 10.88 -3.61
CA CYS C 73 19.17 11.90 -2.96
C CYS C 73 19.96 12.92 -2.17
N ASN C 74 19.28 13.97 -1.71
CA ASN C 74 19.91 15.04 -0.94
C ASN C 74 20.57 14.55 0.33
N GLU C 75 20.04 13.46 0.88
CA GLU C 75 20.58 12.90 2.11
C GLU C 75 21.88 12.13 1.88
N HIS C 76 22.17 11.81 0.62
CA HIS C 76 23.37 11.04 0.34
C HIS C 76 24.55 11.63 -0.45
N VAL C 77 24.45 12.88 -0.90
CA VAL C 77 25.57 13.51 -1.62
C VAL C 77 26.23 14.54 -0.74
N GLN C 78 26.23 15.74 -1.12
N ALA D 1 -5.45 -1.68 -0.60
CA ALA D 1 -5.67 -0.59 -1.60
C ALA D 1 -5.48 0.76 -0.92
N ARG D 2 -4.98 1.74 -1.66
CA ARG D 2 -4.81 3.05 -1.06
C ARG D 2 -6.11 3.82 -1.12
N THR D 3 -6.41 4.50 -0.02
CA THR D 3 -7.64 5.25 0.08
C THR D 3 -7.42 6.66 0.62
N M3L D 4 -8.50 7.44 0.63
CA M3L D 4 -8.48 8.81 1.14
CB M3L D 4 -8.58 9.83 -0.01
CG M3L D 4 -7.36 9.91 -0.91
CD M3L D 4 -7.56 10.96 -2.00
CE M3L D 4 -6.34 11.06 -2.92
NZ M3L D 4 -6.41 12.08 -4.03
C M3L D 4 -9.68 8.97 2.05
O M3L D 4 -10.74 8.39 1.82
CM1 M3L D 4 -6.67 13.44 -3.47
CM2 M3L D 4 -5.06 12.07 -4.70
CM3 M3L D 4 -7.47 11.73 -5.02
N GLN D 5 -9.50 9.76 3.10
CA GLN D 5 -10.58 10.02 4.05
C GLN D 5 -11.15 8.75 4.68
N THR D 6 -10.30 7.76 4.89
CA THR D 6 -10.74 6.51 5.51
C THR D 6 -10.18 6.48 6.92
N ALA D 7 -9.43 7.51 7.27
CA ALA D 7 -8.86 7.60 8.59
C ALA D 7 -9.98 7.82 9.60
N ARG D 8 -9.85 7.05 10.66
CA ARG D 8 -10.73 6.99 11.83
C ARG D 8 -10.65 8.25 12.70
N LYS D 9 -11.75 8.99 12.80
CA LYS D 9 -11.75 10.20 13.64
C LYS D 9 -12.02 9.83 15.10
N ALA E 1 -1.95 -7.34 14.89
CA ALA E 1 -1.44 -7.54 13.50
C ALA E 1 -2.26 -8.63 12.82
N ARG E 2 -2.61 -8.41 11.57
CA ARG E 2 -3.38 -9.39 10.82
C ARG E 2 -2.50 -10.59 10.53
N THR E 3 -3.08 -11.79 10.56
CA THR E 3 -2.32 -13.02 10.27
C THR E 3 -3.22 -14.04 9.58
N M3L E 4 -2.60 -15.08 9.02
CA M3L E 4 -3.31 -16.16 8.35
CB M3L E 4 -3.07 -16.10 6.84
CG M3L E 4 -3.76 -14.97 6.10
CD M3L E 4 -3.26 -14.93 4.67
CE M3L E 4 -3.91 -13.83 3.84
NZ M3L E 4 -3.45 -13.76 2.40
C M3L E 4 -2.79 -17.50 8.88
O M3L E 4 -1.59 -17.65 9.15
CM1 M3L E 4 -3.72 -15.03 1.67
CM2 M3L E 4 -4.27 -12.66 1.77
CM3 M3L E 4 -1.99 -13.45 2.29
N GLN E 5 -3.70 -18.47 9.01
CA GLN E 5 -3.36 -19.81 9.50
C GLN E 5 -2.72 -19.78 10.89
N THR E 6 -3.26 -18.95 11.77
CA THR E 6 -2.74 -18.84 13.12
C THR E 6 -3.81 -19.12 14.14
N ALA E 7 -4.91 -19.72 13.71
CA ALA E 7 -5.99 -20.01 14.62
C ALA E 7 -5.86 -21.33 15.34
N ARG E 8 -6.33 -21.32 16.59
CA ARG E 8 -6.30 -22.47 17.47
C ARG E 8 -6.96 -23.67 16.82
N LYS E 9 -6.28 -24.80 16.93
CA LYS E 9 -6.73 -26.05 16.32
C LYS E 9 -6.72 -27.18 17.35
ZN ZN F . -17.95 9.73 -7.89
ZN ZN G . -11.35 1.68 -12.67
ZN ZN H . 8.44 -16.52 2.40
ZN ZN I . 7.50 -5.31 4.95
ZN ZN J . 8.64 12.48 -0.06
ZN ZN K . 19.47 8.29 -0.98
#